data_5SOT
#
_entry.id   5SOT
#
_cell.length_a   88.707
_cell.length_b   88.707
_cell.length_c   39.503
_cell.angle_alpha   90.000
_cell.angle_beta   90.000
_cell.angle_gamma   90.000
#
_symmetry.space_group_name_H-M   'P 43'
#
loop_
_entity.id
_entity.type
_entity.pdbx_description
1 polymer 'Non-structural protein 3'
2 non-polymer {1-[(3R)-1-(7H-pyrrolo[2,3-d]pyrimidin-4-yl)piperidin-3-yl]-1H-1,2,3-triazol-4-yl}methanol
3 non-polymer {1-[(3S)-1-(7H-pyrrolo[2,3-d]pyrimidin-4-yl)piperidin-3-yl]-1H-1,2,3-triazol-4-yl}methanol
4 water water
#
_entity_poly.entity_id   1
_entity_poly.type   'polypeptide(L)'
_entity_poly.pdbx_seq_one_letter_code
;SMVNSFSGYLKLTDNVYIKNADIVEEAKKVKPTVVVNAANVYLKHGGGVAGALNKATNNAMQVESDDYIATNGPLKVGGS
CVLSGHNLAKHCLHVVGPNVNKGEDIQLLKSAYENFNQHEVLLAPLLSAGIFGADPIHSLRVCVDTVRTNVYLAVFDKNL
YDKLVSSFL
;
_entity_poly.pdbx_strand_id   A,B
#
loop_
_chem_comp.id
_chem_comp.type
_chem_comp.name
_chem_comp.formula
S1O non-polymer {1-[(3S)-1-(7H-pyrrolo[2,3-d]pyrimidin-4-yl)piperidin-3-yl]-1H-1,2,3-triazol-4-yl}methanol 'C14 H17 N7 O'
WX4 non-polymer {1-[(3R)-1-(7H-pyrrolo[2,3-d]pyrimidin-4-yl)piperidin-3-yl]-1H-1,2,3-triazol-4-yl}methanol 'C14 H17 N7 O'
#
# COMPACT_ATOMS: atom_id res chain seq x y z
N VAL A 3 3.21 18.64 16.74
CA VAL A 3 3.58 19.76 15.88
C VAL A 3 4.64 19.32 14.87
N ASN A 4 4.47 19.70 13.61
CA ASN A 4 5.48 19.46 12.57
C ASN A 4 5.76 20.78 11.83
N SER A 5 6.71 20.74 10.90
CA SER A 5 7.30 21.89 10.22
C SER A 5 6.58 22.29 8.93
N PHE A 6 5.56 21.55 8.51
CA PHE A 6 4.84 21.93 7.29
C PHE A 6 4.09 23.24 7.50
N SER A 7 4.21 24.17 6.53
CA SER A 7 3.74 25.55 6.69
C SER A 7 2.86 25.97 5.51
N GLY A 8 1.81 26.75 5.78
CA GLY A 8 1.00 27.31 4.71
C GLY A 8 -0.01 26.36 4.10
N TYR A 9 -0.29 25.22 4.74
CA TYR A 9 -1.26 24.27 4.19
C TYR A 9 -2.67 24.63 4.64
N LEU A 10 -3.62 24.36 3.76
CA LEU A 10 -5.04 24.39 4.10
C LEU A 10 -5.40 23.00 4.62
N LYS A 11 -6.16 22.97 5.72
CA LYS A 11 -6.58 21.72 6.33
C LYS A 11 -7.88 21.28 5.65
N LEU A 12 -7.88 20.09 5.03
CA LEU A 12 -9.11 19.59 4.42
C LEU A 12 -9.90 18.71 5.36
N THR A 13 -9.22 17.86 6.12
CA THR A 13 -9.83 16.94 7.05
C THR A 13 -8.95 16.82 8.29
N ASP A 14 -9.33 15.90 9.18
CA ASP A 14 -8.54 15.63 10.37
C ASP A 14 -7.08 15.37 10.01
N ASN A 15 -6.84 14.68 8.87
CA ASN A 15 -5.50 14.17 8.57
C ASN A 15 -4.93 14.59 7.22
N VAL A 16 -5.68 15.30 6.38
CA VAL A 16 -5.24 15.66 5.04
C VAL A 16 -5.14 17.18 4.92
N TYR A 17 -4.00 17.63 4.41
CA TYR A 17 -3.65 19.03 4.24
C TYR A 17 -3.22 19.23 2.80
N ILE A 18 -3.36 20.45 2.27
N ILE A 18 -3.43 20.46 2.27
CA ILE A 18 -3.05 20.71 0.86
CA ILE A 18 -3.07 20.78 0.89
C ILE A 18 -2.47 22.11 0.70
C ILE A 18 -2.42 22.16 0.82
N LYS A 19 -1.56 22.24 -0.29
N LYS A 19 -1.46 22.34 -0.11
CA LYS A 19 -0.87 23.48 -0.55
CA LYS A 19 -0.75 23.61 -0.26
C LYS A 19 -0.54 23.56 -2.04
C LYS A 19 -0.23 23.72 -1.70
N ASN A 20 -0.58 24.78 -2.60
N ASN A 20 -0.50 24.84 -2.38
CA ASN A 20 -0.04 25.03 -3.94
CA ASN A 20 0.01 25.03 -3.75
C ASN A 20 1.46 25.17 -3.78
C ASN A 20 1.53 25.20 -3.67
N ALA A 21 2.21 24.15 -4.19
N ALA A 21 2.26 24.13 -4.02
CA ALA A 21 3.65 24.16 -4.00
CA ALA A 21 3.72 24.18 -4.02
C ALA A 21 4.28 23.17 -4.96
C ALA A 21 4.28 22.96 -4.75
N ASP A 22 5.56 23.45 -5.27
N ASP A 22 5.37 23.15 -5.48
CA ASP A 22 6.42 22.54 -5.99
CA ASP A 22 6.07 22.04 -6.11
C ASP A 22 6.97 21.52 -5.00
C ASP A 22 6.58 21.09 -5.02
N ILE A 23 6.62 20.25 -5.18
N ILE A 23 6.35 19.79 -5.19
CA ILE A 23 7.01 19.22 -4.21
CA ILE A 23 6.73 18.80 -4.16
C ILE A 23 8.52 19.15 -4.05
C ILE A 23 8.25 18.77 -3.97
N VAL A 24 9.27 19.45 -5.11
N VAL A 24 9.03 19.02 -5.04
CA VAL A 24 10.73 19.46 -5.00
CA VAL A 24 10.48 19.09 -4.93
C VAL A 24 11.19 20.54 -4.03
C VAL A 24 10.89 20.22 -3.98
N GLU A 25 10.67 21.75 -4.20
N GLU A 25 10.27 21.40 -4.13
CA GLU A 25 11.05 22.86 -3.33
CA GLU A 25 10.57 22.55 -3.28
C GLU A 25 10.55 22.64 -1.91
C GLU A 25 10.10 22.30 -1.84
N GLU A 26 9.37 22.06 -1.77
N GLU A 26 8.88 21.78 -1.68
CA GLU A 26 8.84 21.77 -0.46
CA GLU A 26 8.37 21.42 -0.36
C GLU A 26 9.67 20.73 0.27
C GLU A 26 9.27 20.41 0.33
N ALA A 27 10.07 19.66 -0.43
CA ALA A 27 10.93 18.66 0.15
C ALA A 27 12.26 19.25 0.57
N LYS A 28 12.86 20.07 -0.30
CA LYS A 28 14.14 20.70 0.01
C LYS A 28 14.07 21.53 1.30
N LYS A 29 12.95 22.15 1.56
N LYS A 29 12.93 22.21 1.52
CA LYS A 29 12.84 23.03 2.71
CA LYS A 29 12.74 23.09 2.68
C LYS A 29 12.45 22.29 3.98
C LYS A 29 12.44 22.31 3.96
N VAL A 30 11.51 21.35 3.90
CA VAL A 30 11.04 20.63 5.08
C VAL A 30 11.98 19.46 5.43
N LYS A 31 12.56 18.79 4.45
CA LYS A 31 13.30 17.55 4.65
C LYS A 31 12.43 16.56 5.42
N PRO A 32 11.26 16.22 4.89
CA PRO A 32 10.33 15.35 5.60
C PRO A 32 10.92 13.96 5.74
N THR A 33 10.37 13.22 6.71
CA THR A 33 10.73 11.81 6.87
C THR A 33 10.45 11.03 5.60
N VAL A 34 9.30 11.30 4.97
CA VAL A 34 8.88 10.59 3.75
C VAL A 34 8.39 11.58 2.72
N VAL A 35 8.98 11.54 1.52
CA VAL A 35 8.40 12.15 0.33
C VAL A 35 7.90 11.03 -0.58
N VAL A 36 6.71 11.19 -1.12
CA VAL A 36 6.13 10.23 -2.05
C VAL A 36 6.49 10.62 -3.47
N ASN A 37 6.97 9.63 -4.24
CA ASN A 37 7.16 9.78 -5.67
C ASN A 37 6.02 9.13 -6.43
N ALA A 38 5.58 9.81 -7.48
CA ALA A 38 4.62 9.30 -8.46
C ALA A 38 5.37 8.40 -9.45
N ALA A 39 5.63 7.18 -9.02
CA ALA A 39 6.48 6.25 -9.75
C ALA A 39 5.69 5.43 -10.77
N ASN A 40 6.43 4.82 -11.69
CA ASN A 40 5.93 3.73 -12.52
C ASN A 40 6.60 2.42 -12.09
N VAL A 41 6.10 1.31 -12.64
CA VAL A 41 6.54 0.00 -12.15
C VAL A 41 8.00 -0.27 -12.41
N TYR A 42 8.59 0.43 -13.37
CA TYR A 42 10.00 0.26 -13.72
C TYR A 42 10.90 1.22 -12.98
N LEU A 43 10.33 2.10 -12.17
CA LEU A 43 11.07 3.19 -11.52
C LEU A 43 11.92 3.96 -12.52
N LYS A 44 11.35 4.22 -13.69
CA LYS A 44 11.97 5.06 -14.71
C LYS A 44 11.44 6.47 -14.51
N HIS A 45 12.27 7.33 -13.93
N HIS A 45 12.24 7.32 -13.87
CA HIS A 45 11.80 8.63 -13.46
CA HIS A 45 11.83 8.69 -13.53
C HIS A 45 12.03 9.69 -14.54
C HIS A 45 12.20 9.61 -14.70
N GLY A 46 11.24 9.61 -15.60
N GLY A 46 11.24 9.80 -15.63
CA GLY A 46 11.51 10.40 -16.79
CA GLY A 46 11.46 10.62 -16.81
C GLY A 46 10.87 11.77 -16.81
C GLY A 46 10.81 12.01 -16.75
N GLY A 47 9.69 11.91 -16.21
N GLY A 47 9.59 12.12 -16.19
CA GLY A 47 8.92 13.13 -16.33
CA GLY A 47 8.90 13.40 -16.17
C GLY A 47 7.92 13.23 -15.21
C GLY A 47 8.02 13.57 -14.94
N GLY A 48 7.11 14.29 -15.27
N GLY A 48 7.30 14.69 -14.90
CA GLY A 48 6.17 14.54 -14.20
CA GLY A 48 6.40 14.99 -13.77
C GLY A 48 6.89 14.75 -12.88
C GLY A 48 7.12 14.94 -12.43
N VAL A 49 6.20 14.39 -11.80
N VAL A 49 6.44 14.35 -11.43
CA VAL A 49 6.79 14.48 -10.47
CA VAL A 49 7.01 14.25 -10.08
C VAL A 49 8.07 13.67 -10.38
C VAL A 49 8.32 13.46 -10.10
N ALA A 50 8.07 12.45 -10.92
N ALA A 50 8.28 12.24 -10.64
CA ALA A 50 9.24 11.58 -10.80
CA ALA A 50 9.45 11.36 -10.65
C ALA A 50 10.45 12.19 -11.48
C ALA A 50 10.63 12.04 -11.35
N GLY A 51 10.27 12.70 -12.69
N GLY A 51 10.42 12.52 -12.58
CA GLY A 51 11.39 13.33 -13.38
CA GLY A 51 11.51 13.15 -13.32
C GLY A 51 11.93 14.51 -12.61
C GLY A 51 12.07 14.36 -12.60
N ALA A 52 11.05 15.29 -12.00
N ALA A 52 11.21 15.13 -11.94
CA ALA A 52 11.47 16.46 -11.23
CA ALA A 52 11.65 16.33 -11.23
C ALA A 52 12.20 16.05 -9.95
C ALA A 52 12.40 15.97 -9.95
N LEU A 53 11.66 15.08 -9.21
N LEU A 53 11.89 15.00 -9.17
CA LEU A 53 12.34 14.61 -8.00
CA LEU A 53 12.61 14.58 -7.97
C LEU A 53 13.71 14.05 -8.36
C LEU A 53 13.97 14.01 -8.34
N ASN A 54 13.77 13.21 -9.40
N ASN A 54 14.00 13.12 -9.34
CA ASN A 54 15.04 12.60 -9.75
CA ASN A 54 15.26 12.53 -9.77
C ASN A 54 16.07 13.66 -10.17
C ASN A 54 16.26 13.61 -10.17
N LYS A 55 15.64 14.63 -10.98
N LYS A 55 15.82 14.60 -10.96
CA LYS A 55 16.55 15.70 -11.39
CA LYS A 55 16.72 15.69 -11.36
C LYS A 55 17.14 16.42 -10.18
C LYS A 55 17.20 16.45 -10.13
N ALA A 56 16.31 16.67 -9.16
CA ALA A 56 16.77 17.35 -7.95
C ALA A 56 17.79 16.54 -7.17
N THR A 57 17.82 15.21 -7.33
CA THR A 57 18.84 14.35 -6.72
C THR A 57 20.06 14.17 -7.62
N ASN A 58 20.14 14.90 -8.73
CA ASN A 58 21.29 14.78 -9.64
C ASN A 58 21.38 13.36 -10.19
N ASN A 59 20.23 12.70 -10.39
CA ASN A 59 20.10 11.35 -10.96
C ASN A 59 20.45 10.26 -9.96
N ALA A 60 20.76 10.58 -8.71
CA ALA A 60 21.05 9.53 -7.74
C ALA A 60 19.83 8.66 -7.47
N MET A 61 18.62 9.24 -7.49
CA MET A 61 17.41 8.44 -7.35
C MET A 61 17.32 7.39 -8.46
N GLN A 62 17.60 7.77 -9.71
CA GLN A 62 17.54 6.82 -10.81
C GLN A 62 18.58 5.71 -10.67
N VAL A 63 19.81 6.05 -10.27
CA VAL A 63 20.85 5.05 -10.07
C VAL A 63 20.43 4.03 -9.03
N GLU A 64 19.92 4.52 -7.89
CA GLU A 64 19.45 3.62 -6.83
C GLU A 64 18.29 2.77 -7.33
N SER A 65 17.38 3.38 -8.08
CA SER A 65 16.21 2.68 -8.58
C SER A 65 16.58 1.57 -9.56
N ASP A 66 17.56 1.83 -10.42
CA ASP A 66 17.96 0.81 -11.39
C ASP A 66 18.53 -0.41 -10.68
N ASP A 67 19.30 -0.19 -9.61
CA ASP A 67 19.78 -1.33 -8.83
C ASP A 67 18.62 -2.06 -8.15
N TYR A 68 17.63 -1.32 -7.63
CA TYR A 68 16.47 -1.96 -7.02
C TYR A 68 15.74 -2.86 -8.01
N ILE A 69 15.51 -2.37 -9.23
CA ILE A 69 14.78 -3.16 -10.23
C ILE A 69 15.61 -4.36 -10.67
N ALA A 70 16.92 -4.17 -10.84
CA ALA A 70 17.77 -5.29 -11.25
C ALA A 70 17.69 -6.42 -10.22
N THR A 71 17.53 -6.08 -8.95
CA THR A 71 17.47 -7.10 -7.90
C THR A 71 16.07 -7.69 -7.75
N ASN A 72 15.04 -6.85 -7.80
CA ASN A 72 13.70 -7.21 -7.36
C ASN A 72 12.68 -7.32 -8.47
N GLY A 73 12.97 -6.82 -9.67
CA GLY A 73 11.99 -6.74 -10.71
C GLY A 73 11.01 -5.60 -10.48
N PRO A 74 10.08 -5.42 -11.42
CA PRO A 74 9.16 -4.28 -11.37
C PRO A 74 8.22 -4.35 -10.17
N LEU A 75 7.76 -3.17 -9.79
CA LEU A 75 6.65 -3.06 -8.85
C LEU A 75 5.34 -3.49 -9.51
N LYS A 76 4.32 -3.65 -8.67
CA LYS A 76 2.93 -3.81 -9.12
C LYS A 76 2.28 -2.43 -9.24
N VAL A 77 1.37 -2.29 -10.20
CA VAL A 77 0.48 -1.13 -10.18
C VAL A 77 -0.34 -1.19 -8.91
N GLY A 78 -0.34 -0.10 -8.13
CA GLY A 78 -0.94 -0.07 -6.82
C GLY A 78 0.05 -0.34 -5.71
N GLY A 79 1.29 -0.74 -6.04
CA GLY A 79 2.29 -1.08 -5.05
C GLY A 79 3.28 0.05 -4.83
N SER A 80 4.29 -0.26 -4.02
CA SER A 80 5.26 0.73 -3.58
C SER A 80 6.54 0.05 -3.12
N CYS A 81 7.58 0.87 -3.00
CA CYS A 81 8.78 0.48 -2.29
C CYS A 81 9.36 1.71 -1.61
N VAL A 82 10.09 1.47 -0.53
CA VAL A 82 10.79 2.52 0.21
C VAL A 82 12.26 2.53 -0.20
N LEU A 83 12.73 3.66 -0.70
CA LEU A 83 14.13 3.83 -1.02
C LEU A 83 14.62 5.11 -0.34
N SER A 84 15.87 5.47 -0.60
CA SER A 84 16.43 6.68 -0.01
C SER A 84 15.69 7.93 -0.47
N GLY A 85 15.62 8.92 0.40
CA GLY A 85 15.16 10.24 0.01
C GLY A 85 16.25 11.14 -0.47
N HIS A 86 17.49 10.66 -0.49
CA HIS A 86 18.62 11.44 -1.02
C HIS A 86 18.68 12.78 -0.30
N ASN A 87 18.83 13.88 -1.02
CA ASN A 87 18.93 15.21 -0.48
C ASN A 87 17.57 15.84 -0.23
N LEU A 88 16.48 15.11 -0.46
CA LEU A 88 15.13 15.67 -0.38
C LEU A 88 14.36 15.29 0.87
N ALA A 89 14.65 14.14 1.48
CA ALA A 89 13.86 13.56 2.56
C ALA A 89 14.69 12.43 3.14
N LYS A 90 14.27 11.91 4.30
CA LYS A 90 14.93 10.72 4.80
C LYS A 90 14.70 9.55 3.85
N HIS A 91 13.44 9.33 3.49
CA HIS A 91 13.02 8.23 2.65
C HIS A 91 12.16 8.75 1.51
N CYS A 92 12.18 8.03 0.40
CA CYS A 92 11.22 8.22 -0.68
C CYS A 92 10.36 6.98 -0.78
N LEU A 93 9.05 7.16 -0.64
CA LEU A 93 8.08 6.10 -0.90
C LEU A 93 7.66 6.21 -2.36
N HIS A 94 8.15 5.29 -3.20
CA HIS A 94 7.79 5.24 -4.60
C HIS A 94 6.47 4.49 -4.71
N VAL A 95 5.41 5.19 -5.12
CA VAL A 95 4.07 4.60 -5.19
C VAL A 95 3.60 4.63 -6.63
N VAL A 96 3.09 3.50 -7.12
CA VAL A 96 2.62 3.38 -8.49
C VAL A 96 1.10 3.51 -8.52
N GLY A 97 0.59 4.66 -8.90
N GLY A 97 0.61 4.68 -8.94
CA GLY A 97 -0.80 4.78 -9.22
CA GLY A 97 -0.80 4.91 -9.18
C GLY A 97 -1.06 4.29 -10.64
C GLY A 97 -1.16 4.32 -10.53
N PRO A 98 -2.30 3.93 -10.94
N PRO A 98 -2.44 3.96 -10.75
CA PRO A 98 -2.63 3.55 -12.32
CA PRO A 98 -2.81 3.34 -12.04
C PRO A 98 -2.43 4.73 -13.27
C PRO A 98 -2.60 4.31 -13.19
N ASN A 99 -1.90 4.41 -14.45
N ASN A 99 -2.11 3.80 -14.32
CA ASN A 99 -1.72 5.39 -15.53
CA ASN A 99 -2.00 4.61 -15.54
C ASN A 99 -2.86 5.19 -16.52
C ASN A 99 -3.26 4.38 -16.39
N VAL A 100 -3.79 6.16 -16.54
N VAL A 100 -4.17 5.36 -16.38
CA VAL A 100 -4.92 6.09 -17.45
CA VAL A 100 -5.44 5.23 -17.11
C VAL A 100 -4.46 6.07 -18.89
C VAL A 100 -5.19 5.08 -18.61
N ASN A 101 -3.37 6.76 -19.19
N ASN A 101 -4.17 5.75 -19.14
CA ASN A 101 -2.84 6.77 -20.56
CA ASN A 101 -3.86 5.67 -20.58
C ASN A 101 -2.19 5.43 -20.94
C ASN A 101 -3.17 4.36 -20.94
N LYS A 102 -2.15 4.45 -20.03
N LYS A 102 -2.67 3.63 -19.94
CA LYS A 102 -1.81 3.07 -20.34
CA LYS A 102 -2.07 2.30 -20.17
C LYS A 102 -2.99 2.13 -20.21
C LYS A 102 -3.12 1.20 -20.04
N GLY A 103 -4.18 2.63 -19.88
N GLY A 103 -4.36 1.56 -19.70
CA GLY A 103 -5.35 1.78 -19.76
CA GLY A 103 -5.45 0.60 -19.56
C GLY A 103 -5.49 1.05 -18.45
C GLY A 103 -5.53 -0.05 -18.19
N GLU A 104 -4.80 1.48 -17.39
N GLU A 104 -4.59 0.23 -17.31
CA GLU A 104 -4.79 0.77 -16.14
CA GLU A 104 -4.57 -0.37 -15.97
C GLU A 104 -6.03 1.11 -15.30
C GLU A 104 -5.77 0.13 -15.16
N ASP A 105 -6.46 0.13 -14.50
N ASP A 105 -6.51 -0.80 -14.55
CA ASP A 105 -7.76 0.20 -13.83
CA ASP A 105 -7.72 -0.52 -13.77
C ASP A 105 -7.71 1.26 -12.74
C ASP A 105 -7.54 0.72 -12.89
N ILE A 106 -8.63 2.23 -12.81
N ILE A 106 -8.41 1.72 -13.08
CA ILE A 106 -8.61 3.34 -11.87
CA ILE A 106 -8.30 3.02 -12.39
C ILE A 106 -8.91 2.88 -10.46
C ILE A 106 -8.71 2.94 -10.93
N GLN A 107 -9.60 1.74 -10.30
N GLN A 107 -9.37 1.86 -10.51
CA GLN A 107 -9.85 1.20 -8.96
CA GLN A 107 -9.74 1.66 -9.12
C GLN A 107 -8.56 0.92 -8.22
C GLN A 107 -8.52 1.29 -8.26
N LEU A 108 -7.45 0.72 -8.94
N LEU A 108 -7.48 0.76 -8.89
CA LEU A 108 -6.16 0.50 -8.29
CA LEU A 108 -6.20 0.50 -8.22
C LEU A 108 -5.66 1.75 -7.58
C LEU A 108 -5.70 1.75 -7.51
N LEU A 109 -6.31 2.90 -7.79
CA LEU A 109 -5.89 4.11 -7.11
C LEU A 109 -6.04 3.98 -5.60
N LYS A 110 -7.12 3.34 -5.13
CA LYS A 110 -7.28 3.15 -3.70
C LYS A 110 -6.14 2.29 -3.13
N SER A 111 -5.83 1.19 -3.80
CA SER A 111 -4.70 0.35 -3.36
C SER A 111 -3.41 1.16 -3.29
N ALA A 112 -3.19 2.04 -4.27
CA ALA A 112 -1.98 2.86 -4.27
C ALA A 112 -1.92 3.75 -3.03
N TYR A 113 -3.04 4.42 -2.71
CA TYR A 113 -3.05 5.28 -1.53
C TYR A 113 -2.92 4.50 -0.23
N GLU A 114 -3.34 3.23 -0.20
CA GLU A 114 -3.20 2.45 1.03
C GLU A 114 -1.75 2.35 1.49
N ASN A 115 -0.80 2.45 0.55
CA ASN A 115 0.61 2.42 0.94
C ASN A 115 0.95 3.55 1.89
N PHE A 116 0.26 4.69 1.78
CA PHE A 116 0.57 5.83 2.64
C PHE A 116 0.32 5.50 4.11
N ASN A 117 -0.58 4.55 4.40
CA ASN A 117 -0.95 4.25 5.79
C ASN A 117 0.16 3.58 6.56
N GLN A 118 1.23 3.15 5.88
CA GLN A 118 2.37 2.56 6.55
C GLN A 118 3.34 3.62 7.07
N HIS A 119 3.02 4.91 6.92
CA HIS A 119 3.90 6.01 7.31
C HIS A 119 3.07 7.06 8.04
N GLU A 120 3.57 7.50 9.20
CA GLU A 120 2.77 8.37 10.07
C GLU A 120 2.54 9.74 9.45
N VAL A 121 3.54 10.26 8.74
CA VAL A 121 3.49 11.58 8.09
C VAL A 121 4.17 11.50 6.74
N LEU A 122 3.57 12.12 5.72
CA LEU A 122 4.13 12.10 4.36
C LEU A 122 3.88 13.42 3.66
N LEU A 123 4.85 13.83 2.84
CA LEU A 123 4.67 14.84 1.81
C LEU A 123 4.40 14.10 0.50
N ALA A 124 3.37 14.47 -0.24
N ALA A 124 3.22 14.32 -0.07
CA ALA A 124 2.98 13.66 -1.39
CA ALA A 124 2.87 13.55 -1.25
C ALA A 124 2.33 14.50 -2.48
C ALA A 124 2.19 14.41 -2.30
N PRO A 125 2.38 14.02 -3.72
N PRO A 125 2.36 14.04 -3.56
CA PRO A 125 1.54 14.55 -4.80
CA PRO A 125 1.65 14.73 -4.65
C PRO A 125 0.25 13.75 -4.83
C PRO A 125 0.30 14.07 -4.85
N LEU A 126 -0.70 14.26 -5.60
N LEU A 126 -0.50 14.56 -5.79
CA LEU A 126 -1.91 13.51 -5.90
CA LEU A 126 -1.68 13.82 -6.21
C LEU A 126 -1.59 12.36 -6.86
C LEU A 126 -1.28 12.64 -7.07
N LEU A 127 -1.82 11.13 -6.41
N LEU A 127 -1.85 11.46 -6.81
CA LEU A 127 -1.51 9.96 -7.22
CA LEU A 127 -1.47 10.26 -7.55
C LEU A 127 -2.38 9.91 -8.46
C LEU A 127 -2.33 10.09 -8.79
N SER A 128 -1.77 9.47 -9.55
N SER A 128 -1.71 9.59 -9.87
CA SER A 128 -2.38 9.30 -10.85
CA SER A 128 -2.36 9.28 -11.15
C SER A 128 -2.78 10.61 -11.52
C SER A 128 -2.86 10.52 -11.91
N ALA A 129 -2.46 11.76 -10.92
N ALA A 129 -2.40 11.72 -11.55
CA ALA A 129 -2.72 13.06 -11.54
CA ALA A 129 -2.77 12.92 -12.29
C ALA A 129 -1.65 13.38 -12.56
C ALA A 129 -1.56 13.36 -13.12
N GLY A 130 -1.72 14.59 -13.13
N GLY A 130 -1.82 14.00 -14.28
CA GLY A 130 -0.71 15.01 -14.09
CA GLY A 130 -0.76 14.53 -15.10
C GLY A 130 -0.66 14.06 -15.26
C GLY A 130 -0.57 13.75 -16.38
N ILE A 131 0.57 13.69 -15.66
N ILE A 131 0.22 12.68 -16.36
CA ILE A 131 0.76 12.85 -16.85
CA ILE A 131 0.38 11.83 -17.54
C ILE A 131 0.25 11.44 -16.69
C ILE A 131 -0.22 10.46 -17.32
N PHE A 132 -0.19 11.03 -15.49
N PHE A 132 -0.65 10.15 -16.09
CA PHE A 132 -0.82 9.73 -15.33
CA PHE A 132 -1.33 8.90 -15.81
C PHE A 132 -2.29 9.74 -15.75
C PHE A 132 -2.77 8.90 -16.31
N GLY A 133 -2.87 10.90 -16.02
N GLY A 133 -3.36 10.09 -16.51
CA GLY A 133 -4.11 10.96 -16.76
CA GLY A 133 -4.64 10.24 -17.20
C GLY A 133 -5.41 10.88 -15.97
C GLY A 133 -5.86 10.22 -16.31
N ALA A 134 -5.36 10.70 -14.64
N ALA A 134 -5.70 10.21 -14.99
CA ALA A 134 -6.60 10.62 -13.89
CA ALA A 134 -6.87 10.21 -14.11
C ALA A 134 -7.10 12.03 -13.54
C ALA A 134 -7.30 11.65 -13.81
N ASP A 135 -8.37 12.08 -13.15
N ASP A 135 -8.51 11.78 -13.23
CA ASP A 135 -8.96 13.34 -12.69
CA ASP A 135 -9.07 13.10 -12.92
C ASP A 135 -8.43 13.65 -11.30
C ASP A 135 -8.55 13.60 -11.57
N PRO A 136 -7.72 14.77 -11.12
N PRO A 136 -7.87 14.76 -11.52
CA PRO A 136 -7.17 15.09 -9.79
CA PRO A 136 -7.25 15.22 -10.26
C PRO A 136 -8.23 15.27 -8.71
C PRO A 136 -8.19 15.34 -9.07
N ILE A 137 -9.43 15.74 -9.06
N ILE A 137 -9.46 15.69 -9.31
CA ILE A 137 -10.50 15.84 -8.08
CA ILE A 137 -10.42 15.82 -8.19
C ILE A 137 -10.85 14.46 -7.53
C ILE A 137 -10.69 14.46 -7.57
N HIS A 138 -10.93 13.46 -8.41
CA HIS A 138 -11.16 12.09 -7.96
C HIS A 138 -9.99 11.59 -7.11
N SER A 139 -8.76 11.87 -7.53
CA SER A 139 -7.62 11.43 -6.75
C SER A 139 -7.65 12.00 -5.34
N LEU A 140 -8.02 13.27 -5.20
CA LEU A 140 -8.11 13.87 -3.86
C LEU A 140 -9.19 13.17 -3.04
N ARG A 141 -10.33 12.85 -3.65
CA ARG A 141 -11.39 12.17 -2.93
C ARG A 141 -10.93 10.81 -2.44
N VAL A 142 -10.26 10.03 -3.30
CA VAL A 142 -9.76 8.72 -2.89
C VAL A 142 -8.73 8.88 -1.78
N CYS A 143 -7.85 9.88 -1.90
CA CYS A 143 -6.87 10.14 -0.84
C CYS A 143 -7.57 10.34 0.50
N VAL A 144 -8.53 11.26 0.54
CA VAL A 144 -9.20 11.58 1.80
C VAL A 144 -9.93 10.37 2.36
N ASP A 145 -10.50 9.55 1.49
CA ASP A 145 -11.29 8.40 1.93
C ASP A 145 -10.45 7.15 2.18
N THR A 146 -9.13 7.20 1.96
CA THR A 146 -8.27 6.03 2.10
C THR A 146 -7.14 6.23 3.08
N VAL A 147 -6.48 7.37 3.03
CA VAL A 147 -5.33 7.64 3.88
C VAL A 147 -5.82 8.07 5.24
N ARG A 148 -5.31 7.41 6.28
CA ARG A 148 -5.63 7.73 7.66
C ARG A 148 -4.47 8.38 8.41
N THR A 149 -3.26 8.27 7.87
CA THR A 149 -2.10 8.95 8.42
C THR A 149 -2.06 10.38 7.90
N ASN A 150 -1.10 11.15 8.38
CA ASN A 150 -1.09 12.59 8.13
C ASN A 150 -0.38 12.87 6.82
N VAL A 151 -1.12 13.38 5.85
CA VAL A 151 -0.61 13.59 4.50
C VAL A 151 -0.71 15.07 4.13
N TYR A 152 0.41 15.59 3.66
CA TYR A 152 0.59 16.96 3.19
C TYR A 152 0.74 16.91 1.68
N LEU A 153 -0.29 17.33 0.97
N LEU A 153 -0.25 17.46 0.97
CA LEU A 153 -0.35 17.25 -0.48
CA LEU A 153 -0.24 17.38 -0.48
C LEU A 153 0.16 18.53 -1.10
C LEU A 153 0.21 18.70 -1.10
N ALA A 154 1.09 18.39 -2.03
N ALA A 154 1.26 18.63 -1.93
CA ALA A 154 1.65 19.51 -2.80
CA ALA A 154 1.75 19.77 -2.70
C ALA A 154 1.06 19.44 -4.20
C ALA A 154 1.16 19.66 -4.10
N VAL A 155 0.43 20.53 -4.62
N VAL A 155 0.14 20.47 -4.40
CA VAL A 155 -0.17 20.64 -5.95
CA VAL A 155 -0.51 20.46 -5.71
C VAL A 155 0.57 21.73 -6.68
C VAL A 155 0.23 21.48 -6.59
N PHE A 156 1.27 21.36 -7.77
N PHE A 156 1.16 20.97 -7.43
CA PHE A 156 2.13 22.29 -8.49
CA PHE A 156 2.03 21.76 -8.30
C PHE A 156 1.32 23.42 -9.15
C PHE A 156 1.32 22.99 -8.88
N ASP A 157 0.22 23.08 -9.80
N ASP A 157 0.22 22.79 -9.57
CA ASP A 157 -0.51 24.04 -10.62
CA ASP A 157 -0.45 23.89 -10.28
C ASP A 157 -1.47 24.85 -9.76
C ASP A 157 -1.16 24.82 -9.30
N LYS A 158 -1.29 26.18 -9.75
N LYS A 158 -0.96 26.14 -9.47
CA LYS A 158 -2.13 27.05 -8.93
CA LYS A 158 -1.68 27.11 -8.64
C LYS A 158 -3.59 26.95 -9.36
C LYS A 158 -3.16 27.09 -9.01
N ASN A 159 -3.85 26.97 -10.67
N ASN A 159 -3.46 26.91 -10.29
CA ASN A 159 -5.22 26.85 -11.15
CA ASN A 159 -4.84 26.86 -10.78
C ASN A 159 -5.88 25.57 -10.63
C ASN A 159 -5.59 25.64 -10.24
N LEU A 160 -5.16 24.45 -10.67
CA LEU A 160 -5.76 23.19 -10.21
C LEU A 160 -5.95 23.21 -8.70
N TYR A 161 -4.97 23.72 -7.97
CA TYR A 161 -5.09 23.86 -6.53
C TYR A 161 -6.39 24.57 -6.15
N ASP A 162 -6.65 25.72 -6.77
CA ASP A 162 -7.87 26.47 -6.46
C ASP A 162 -9.12 25.65 -6.79
N LYS A 163 -9.09 24.93 -7.91
CA LYS A 163 -10.24 24.10 -8.27
C LYS A 163 -10.44 22.96 -7.26
N LEU A 164 -9.35 22.35 -6.80
CA LEU A 164 -9.45 21.26 -5.82
C LEU A 164 -10.05 21.75 -4.52
N VAL A 165 -9.59 22.90 -4.03
CA VAL A 165 -10.14 23.47 -2.80
C VAL A 165 -11.61 23.83 -2.98
N SER A 166 -11.90 24.58 -4.05
CA SER A 166 -13.25 25.13 -4.24
C SER A 166 -14.29 24.04 -4.43
N SER A 167 -13.88 22.88 -4.95
CA SER A 167 -14.81 21.78 -5.23
C SER A 167 -14.80 20.72 -4.15
N PHE A 168 -14.02 20.90 -3.08
CA PHE A 168 -13.88 19.85 -2.09
C PHE A 168 -15.15 19.72 -1.27
N LEU A 169 -15.59 18.49 -1.06
CA LEU A 169 -16.78 18.26 -0.24
C LEU A 169 -16.35 17.81 1.14
N SER B 1 -1.60 -28.06 -14.54
CA SER B 1 -1.54 -27.98 -13.05
C SER B 1 -2.64 -27.12 -12.41
N MET B 2 -3.02 -27.56 -11.21
N MET B 2 -3.01 -27.53 -11.22
CA MET B 2 -4.08 -26.93 -10.43
CA MET B 2 -4.11 -26.97 -10.44
C MET B 2 -3.45 -26.09 -9.34
C MET B 2 -3.54 -26.12 -9.31
N VAL B 3 -3.68 -24.78 -9.41
CA VAL B 3 -3.31 -23.84 -8.36
C VAL B 3 -4.57 -23.03 -8.04
N ASN B 4 -4.62 -22.52 -6.82
CA ASN B 4 -5.77 -21.71 -6.37
C ASN B 4 -7.10 -22.44 -6.58
N SER B 5 -7.13 -23.73 -6.26
CA SER B 5 -8.33 -24.55 -6.43
C SER B 5 -9.08 -24.62 -5.10
N PHE B 6 -9.73 -23.52 -4.76
CA PHE B 6 -10.49 -23.39 -3.52
C PHE B 6 -11.85 -24.06 -3.70
N SER B 7 -12.23 -24.90 -2.73
CA SER B 7 -13.53 -25.56 -2.77
C SER B 7 -14.16 -25.68 -1.38
N GLY B 8 -15.50 -25.60 -1.36
CA GLY B 8 -16.27 -25.73 -0.16
C GLY B 8 -16.34 -24.46 0.65
N TYR B 9 -16.01 -23.32 0.04
CA TYR B 9 -16.12 -22.02 0.72
C TYR B 9 -17.52 -21.44 0.60
N LEU B 10 -17.91 -20.76 1.65
CA LEU B 10 -19.16 -20.03 1.73
C LEU B 10 -18.87 -18.57 1.38
N LYS B 11 -19.68 -18.04 0.48
N LYS B 11 -19.64 -18.03 0.43
CA LYS B 11 -19.53 -16.67 0.01
CA LYS B 11 -19.46 -16.65 0.00
C LYS B 11 -20.12 -15.72 1.05
C LYS B 11 -20.11 -15.71 1.00
N LEU B 12 -19.33 -14.78 1.55
CA LEU B 12 -19.82 -13.73 2.44
C LEU B 12 -20.09 -12.43 1.68
N THR B 13 -19.16 -12.04 0.83
CA THR B 13 -19.30 -10.88 -0.06
C THR B 13 -18.78 -11.30 -1.42
N ASP B 14 -18.80 -10.37 -2.37
CA ASP B 14 -18.34 -10.69 -3.71
C ASP B 14 -16.87 -11.12 -3.72
N ASN B 15 -16.09 -10.75 -2.70
CA ASN B 15 -14.67 -11.08 -2.69
C ASN B 15 -14.18 -11.79 -1.43
N VAL B 16 -15.03 -12.06 -0.45
CA VAL B 16 -14.61 -12.69 0.80
C VAL B 16 -15.37 -13.99 0.96
N TYR B 17 -14.62 -15.08 1.16
CA TYR B 17 -15.14 -16.44 1.26
C TYR B 17 -14.61 -17.05 2.54
N ILE B 18 -15.34 -18.02 3.10
CA ILE B 18 -14.93 -18.58 4.39
C ILE B 18 -15.21 -20.08 4.43
N LYS B 19 -14.36 -20.81 5.14
CA LYS B 19 -14.46 -22.26 5.25
C LYS B 19 -13.98 -22.69 6.63
N ASN B 20 -14.63 -23.72 7.18
CA ASN B 20 -14.16 -24.38 8.39
C ASN B 20 -13.09 -25.38 7.97
N ALA B 21 -11.82 -25.03 8.21
CA ALA B 21 -10.71 -25.81 7.68
C ALA B 21 -9.44 -25.47 8.44
N ASP B 22 -8.52 -26.43 8.44
CA ASP B 22 -7.14 -26.28 8.90
C ASP B 22 -6.34 -25.65 7.77
N ILE B 23 -5.79 -24.45 8.00
CA ILE B 23 -5.16 -23.67 6.93
C ILE B 23 -3.96 -24.40 6.32
N VAL B 24 -3.24 -25.22 7.11
CA VAL B 24 -2.14 -25.99 6.55
C VAL B 24 -2.67 -27.04 5.58
N GLU B 25 -3.69 -27.80 6.01
CA GLU B 25 -4.30 -28.79 5.13
C GLU B 25 -4.89 -28.13 3.89
N GLU B 26 -5.52 -26.98 4.08
CA GLU B 26 -6.07 -26.25 2.95
C GLU B 26 -4.98 -25.84 1.97
N ALA B 27 -3.88 -25.28 2.50
CA ALA B 27 -2.80 -24.85 1.62
C ALA B 27 -2.28 -26.01 0.78
N LYS B 28 -2.11 -27.18 1.40
CA LYS B 28 -1.56 -28.31 0.67
C LYS B 28 -2.52 -28.81 -0.42
N LYS B 29 -3.83 -28.68 -0.19
CA LYS B 29 -4.84 -29.09 -1.17
C LYS B 29 -5.04 -28.04 -2.27
N VAL B 30 -5.22 -26.77 -1.88
CA VAL B 30 -5.59 -25.69 -2.80
C VAL B 30 -4.43 -25.29 -3.68
N LYS B 31 -3.20 -25.45 -3.18
N LYS B 31 -3.24 -25.42 -3.17
CA LYS B 31 -1.99 -24.96 -3.84
CA LYS B 31 -2.05 -24.99 -3.89
C LYS B 31 -2.11 -23.47 -4.18
C LYS B 31 -2.17 -23.49 -4.20
N PRO B 32 -2.28 -22.61 -3.19
CA PRO B 32 -2.49 -21.18 -3.45
C PRO B 32 -1.20 -20.49 -3.87
N THR B 33 -1.37 -19.42 -4.66
CA THR B 33 -0.25 -18.54 -4.94
C THR B 33 0.26 -17.89 -3.66
N VAL B 34 -0.67 -17.52 -2.75
CA VAL B 34 -0.30 -16.81 -1.54
C VAL B 34 -1.03 -17.42 -0.35
N VAL B 35 -0.28 -17.81 0.68
CA VAL B 35 -0.85 -18.08 1.99
C VAL B 35 -0.39 -16.98 2.93
N VAL B 36 -1.33 -16.47 3.73
CA VAL B 36 -1.02 -15.42 4.70
C VAL B 36 -0.64 -16.06 6.03
N ASN B 37 0.44 -15.57 6.60
CA ASN B 37 0.83 -15.93 7.97
C ASN B 37 0.43 -14.81 8.92
N ALA B 38 -0.09 -15.22 10.08
CA ALA B 38 -0.36 -14.34 11.21
C ALA B 38 0.95 -14.11 11.95
N ALA B 39 1.76 -13.20 11.41
CA ALA B 39 3.14 -12.97 11.84
C ALA B 39 3.23 -11.93 12.96
N ASN B 40 4.41 -11.88 13.58
CA ASN B 40 4.80 -10.80 14.47
C ASN B 40 6.01 -10.08 13.85
N VAL B 41 6.40 -8.95 14.45
CA VAL B 41 7.35 -8.06 13.78
C VAL B 41 8.72 -8.70 13.60
N TYR B 42 9.11 -9.66 14.45
CA TYR B 42 10.40 -10.32 14.32
C TYR B 42 10.29 -11.68 13.63
N LEU B 43 9.11 -11.98 13.07
CA LEU B 43 8.92 -13.23 12.32
C LEU B 43 9.36 -14.43 13.14
N LYS B 44 8.99 -14.44 14.43
CA LYS B 44 9.24 -15.57 15.32
C LYS B 44 7.96 -16.39 15.35
N HIS B 45 7.99 -17.54 14.67
CA HIS B 45 6.78 -18.29 14.37
C HIS B 45 6.53 -19.34 15.45
N GLY B 46 6.12 -18.87 16.62
CA GLY B 46 6.00 -19.77 17.76
C GLY B 46 4.68 -20.50 17.91
N GLY B 47 3.57 -19.79 17.79
CA GLY B 47 2.29 -20.28 18.25
C GLY B 47 1.22 -20.06 17.18
N GLY B 48 0.03 -20.61 17.44
CA GLY B 48 -1.10 -20.38 16.56
C GLY B 48 -0.78 -20.70 15.12
N VAL B 49 -1.28 -19.87 14.22
CA VAL B 49 -1.11 -20.10 12.79
C VAL B 49 0.36 -20.14 12.41
N ALA B 50 1.16 -19.19 12.91
CA ALA B 50 2.54 -19.11 12.49
C ALA B 50 3.30 -20.38 12.91
N GLY B 51 3.07 -20.85 14.13
CA GLY B 51 3.71 -22.08 14.54
C GLY B 51 3.33 -23.26 13.67
N ALA B 52 2.05 -23.35 13.29
CA ALA B 52 1.61 -24.45 12.45
C ALA B 52 2.20 -24.37 11.06
N LEU B 53 2.20 -23.17 10.45
CA LEU B 53 2.80 -23.05 9.12
C LEU B 53 4.28 -23.40 9.16
N ASN B 54 5.00 -22.86 10.15
CA ASN B 54 6.43 -23.13 10.21
C ASN B 54 6.70 -24.61 10.41
N LYS B 55 5.95 -25.26 11.30
CA LYS B 55 6.12 -26.71 11.50
C LYS B 55 5.91 -27.47 10.21
N ALA B 56 4.91 -27.08 9.41
CA ALA B 56 4.65 -27.79 8.16
C ALA B 56 5.84 -27.69 7.22
N THR B 57 6.60 -26.59 7.29
CA THR B 57 7.80 -26.40 6.48
C THR B 57 9.04 -27.04 7.09
N ASN B 58 8.88 -27.79 8.19
CA ASN B 58 10.04 -28.38 8.85
C ASN B 58 11.06 -27.32 9.24
N ASN B 59 10.56 -26.16 9.71
CA ASN B 59 11.37 -25.04 10.22
C ASN B 59 12.06 -24.25 9.11
N ALA B 60 11.87 -24.59 7.83
CA ALA B 60 12.51 -23.80 6.78
C ALA B 60 12.01 -22.37 6.77
N MET B 61 10.73 -22.16 7.09
CA MET B 61 10.19 -20.81 7.16
C MET B 61 10.92 -20.00 8.23
N GLN B 62 11.19 -20.59 9.41
CA GLN B 62 11.86 -19.84 10.46
C GLN B 62 13.29 -19.49 10.07
N VAL B 63 14.01 -20.42 9.44
CA VAL B 63 15.39 -20.13 9.02
C VAL B 63 15.39 -18.99 8.02
N GLU B 64 14.51 -19.06 7.02
CA GLU B 64 14.41 -17.99 6.03
C GLU B 64 14.02 -16.67 6.68
N SER B 65 13.10 -16.72 7.66
CA SER B 65 12.65 -15.51 8.33
C SER B 65 13.77 -14.86 9.13
N ASP B 66 14.56 -15.66 9.85
CA ASP B 66 15.65 -15.08 10.63
C ASP B 66 16.67 -14.39 9.73
N ASP B 67 16.94 -14.98 8.56
CA ASP B 67 17.83 -14.32 7.60
C ASP B 67 17.22 -13.01 7.10
N TYR B 68 15.91 -13.01 6.79
CA TYR B 68 15.23 -11.78 6.38
C TYR B 68 15.40 -10.69 7.44
N ILE B 69 15.20 -11.04 8.71
CA ILE B 69 15.32 -10.06 9.80
C ILE B 69 16.75 -9.55 9.93
N ALA B 70 17.73 -10.43 9.78
CA ALA B 70 19.12 -9.99 9.88
C ALA B 70 19.41 -8.93 8.82
N THR B 71 18.85 -9.09 7.62
CA THR B 71 19.11 -8.18 6.52
C THR B 71 18.27 -6.90 6.61
N ASN B 72 17.02 -7.01 7.07
CA ASN B 72 16.04 -5.94 6.92
C ASN B 72 15.55 -5.35 8.24
N GLY B 73 15.78 -6.00 9.37
CA GLY B 73 15.18 -5.57 10.62
C GLY B 73 13.71 -5.93 10.70
N PRO B 74 13.10 -5.63 11.85
CA PRO B 74 11.72 -6.04 12.09
C PRO B 74 10.74 -5.27 11.22
N LEU B 75 9.60 -5.91 11.00
CA LEU B 75 8.46 -5.28 10.34
C LEU B 75 7.82 -4.27 11.29
N LYS B 76 6.92 -3.46 10.74
CA LYS B 76 6.01 -2.61 11.51
C LYS B 76 4.72 -3.38 11.80
N VAL B 77 4.11 -3.14 12.97
CA VAL B 77 2.74 -3.61 13.17
C VAL B 77 1.86 -2.95 12.11
N GLY B 78 1.08 -3.75 11.40
CA GLY B 78 0.30 -3.32 10.26
C GLY B 78 0.99 -3.55 8.93
N GLY B 79 2.26 -3.95 8.95
CA GLY B 79 3.03 -4.18 7.74
C GLY B 79 3.13 -5.66 7.37
N SER B 80 3.90 -5.92 6.31
CA SER B 80 4.02 -7.26 5.78
C SER B 80 5.31 -7.42 5.00
N CYS B 81 5.66 -8.67 4.73
CA CYS B 81 6.69 -8.98 3.75
C CYS B 81 6.30 -10.27 3.03
N VAL B 82 6.80 -10.41 1.81
CA VAL B 82 6.61 -11.60 1.00
C VAL B 82 7.85 -12.46 1.09
N LEU B 83 7.69 -13.72 1.49
CA LEU B 83 8.76 -14.70 1.52
C LEU B 83 8.27 -15.95 0.80
N SER B 84 9.11 -16.98 0.77
CA SER B 84 8.72 -18.23 0.12
C SER B 84 7.53 -18.87 0.83
N GLY B 85 6.72 -19.58 0.06
CA GLY B 85 5.67 -20.42 0.59
C GLY B 85 6.09 -21.85 0.82
N HIS B 86 7.32 -22.25 0.51
CA HIS B 86 7.84 -23.60 0.88
C HIS B 86 6.92 -24.66 0.29
N ASN B 87 6.45 -25.61 1.10
CA ASN B 87 5.56 -26.67 0.65
C ASN B 87 4.09 -26.30 0.78
N LEU B 88 3.79 -25.03 1.04
CA LEU B 88 2.42 -24.57 1.30
C LEU B 88 1.83 -23.73 0.19
N ALA B 89 2.67 -22.98 -0.53
CA ALA B 89 2.17 -21.97 -1.44
C ALA B 89 3.37 -21.49 -2.25
N LYS B 90 3.09 -20.74 -3.32
CA LYS B 90 4.19 -20.09 -4.01
C LYS B 90 4.88 -19.10 -3.07
N HIS B 91 4.08 -18.26 -2.41
CA HIS B 91 4.56 -17.24 -1.51
C HIS B 91 3.83 -17.32 -0.18
N CYS B 92 4.51 -16.91 0.87
CA CYS B 92 3.87 -16.60 2.14
C CYS B 92 3.94 -15.09 2.36
N LEU B 93 2.77 -14.49 2.54
CA LEU B 93 2.66 -13.08 2.92
C LEU B 93 2.57 -13.03 4.44
N HIS B 94 3.66 -12.59 5.08
CA HIS B 94 3.71 -12.47 6.53
C HIS B 94 3.11 -11.12 6.89
N VAL B 95 1.95 -11.10 7.54
CA VAL B 95 1.24 -9.86 7.86
C VAL B 95 1.16 -9.74 9.37
N VAL B 96 1.51 -8.57 9.89
CA VAL B 96 1.50 -8.32 11.33
C VAL B 96 0.24 -7.55 11.69
N GLY B 97 -0.74 -8.24 12.26
CA GLY B 97 -1.87 -7.58 12.87
C GLY B 97 -1.52 -7.17 14.28
N PRO B 98 -2.24 -6.20 14.85
CA PRO B 98 -2.01 -5.85 16.25
C PRO B 98 -2.36 -7.00 17.18
N ASN B 99 -1.51 -7.21 18.17
CA ASN B 99 -1.74 -8.20 19.21
C ASN B 99 -2.32 -7.50 20.44
N VAL B 100 -3.64 -7.59 20.60
CA VAL B 100 -4.36 -6.98 21.74
C VAL B 100 -3.90 -7.59 23.05
N ASN B 101 -3.48 -8.86 23.05
CA ASN B 101 -2.93 -9.48 24.27
C ASN B 101 -1.61 -8.86 24.68
N LYS B 102 -0.99 -8.05 23.81
N LYS B 102 -0.98 -8.07 23.82
CA LYS B 102 0.23 -7.31 24.13
CA LYS B 102 0.24 -7.36 24.14
C LYS B 102 -0.02 -5.81 24.17
C LYS B 102 -0.01 -5.85 24.23
N GLY B 103 -1.27 -5.42 24.21
CA GLY B 103 -1.67 -4.04 24.34
C GLY B 103 -1.54 -3.21 23.08
N GLU B 104 -1.48 -3.83 21.89
CA GLU B 104 -1.29 -3.08 20.66
C GLU B 104 -2.64 -2.56 20.16
N ASP B 105 -2.59 -1.44 19.43
CA ASP B 105 -3.82 -0.73 19.08
C ASP B 105 -4.59 -1.50 18.00
N ILE B 106 -5.77 -1.98 18.36
CA ILE B 106 -6.68 -2.68 17.45
C ILE B 106 -6.97 -1.85 16.20
N GLN B 107 -6.83 -0.52 16.29
CA GLN B 107 -7.05 0.34 15.13
C GLN B 107 -6.10 0.01 13.97
N LEU B 108 -4.95 -0.63 14.24
CA LEU B 108 -3.97 -0.98 13.21
C LEU B 108 -4.40 -2.17 12.38
N LEU B 109 -5.51 -2.79 12.72
CA LEU B 109 -5.99 -3.96 12.01
C LEU B 109 -6.36 -3.62 10.56
N LYS B 110 -6.91 -2.43 10.32
CA LYS B 110 -7.26 -2.06 8.96
C LYS B 110 -6.00 -1.97 8.09
N SER B 111 -4.96 -1.30 8.60
CA SER B 111 -3.69 -1.23 7.86
C SER B 111 -3.15 -2.63 7.56
N ALA B 112 -3.26 -3.54 8.53
CA ALA B 112 -2.78 -4.91 8.31
C ALA B 112 -3.54 -5.55 7.14
N TYR B 113 -4.86 -5.44 7.14
CA TYR B 113 -5.63 -6.04 6.05
C TYR B 113 -5.35 -5.39 4.70
N GLU B 114 -4.99 -4.10 4.67
CA GLU B 114 -4.69 -3.46 3.39
C GLU B 114 -3.59 -4.18 2.64
N ASN B 115 -2.69 -4.87 3.34
CA ASN B 115 -1.64 -5.62 2.64
C ASN B 115 -2.23 -6.65 1.70
N PHE B 116 -3.41 -7.19 2.04
CA PHE B 116 -4.01 -8.22 1.20
C PHE B 116 -4.33 -7.69 -0.20
N ASN B 117 -4.59 -6.38 -0.32
CA ASN B 117 -4.99 -5.80 -1.60
C ASN B 117 -3.87 -5.81 -2.63
N GLN B 118 -2.65 -6.12 -2.23
CA GLN B 118 -1.54 -6.24 -3.18
C GLN B 118 -1.48 -7.61 -3.84
N HIS B 119 -2.45 -8.50 -3.57
CA HIS B 119 -2.46 -9.86 -4.12
C HIS B 119 -3.86 -10.18 -4.61
N GLU B 120 -3.96 -10.71 -5.83
CA GLU B 120 -5.29 -10.90 -6.43
C GLU B 120 -6.11 -11.96 -5.71
N VAL B 121 -5.46 -12.98 -5.15
CA VAL B 121 -6.13 -14.06 -4.44
C VAL B 121 -5.22 -14.58 -3.34
N LEU B 122 -5.79 -14.82 -2.16
CA LEU B 122 -5.03 -15.27 -0.98
C LEU B 122 -5.84 -16.29 -0.19
N LEU B 123 -5.13 -17.25 0.40
CA LEU B 123 -5.63 -18.10 1.48
C LEU B 123 -5.14 -17.48 2.79
N ALA B 124 -6.05 -17.23 3.74
CA ALA B 124 -5.65 -16.44 4.90
C ALA B 124 -6.39 -16.85 6.16
N PRO B 125 -5.80 -16.60 7.33
CA PRO B 125 -6.51 -16.61 8.60
C PRO B 125 -7.08 -15.22 8.87
N LEU B 126 -7.97 -15.15 9.86
CA LEU B 126 -8.43 -13.85 10.37
C LEU B 126 -7.32 -13.19 11.17
N LEU B 127 -6.93 -11.99 10.75
CA LEU B 127 -5.83 -11.31 11.40
C LEU B 127 -6.23 -10.87 12.81
N SER B 128 -5.25 -10.90 13.69
CA SER B 128 -5.36 -10.50 15.09
C SER B 128 -6.31 -11.40 15.90
N ALA B 129 -6.82 -12.49 15.31
CA ALA B 129 -7.66 -13.44 16.02
C ALA B 129 -6.81 -14.37 16.88
N GLY B 130 -7.51 -15.21 17.63
CA GLY B 130 -6.86 -16.30 18.35
C GLY B 130 -5.90 -15.77 19.37
N ILE B 131 -4.65 -16.23 19.28
CA ILE B 131 -3.66 -15.87 20.29
C ILE B 131 -3.31 -14.40 20.26
N PHE B 132 -3.71 -13.66 19.20
CA PHE B 132 -3.50 -12.22 19.16
C PHE B 132 -4.60 -11.44 19.89
N GLY B 133 -5.71 -12.08 20.29
CA GLY B 133 -6.64 -11.52 21.26
C GLY B 133 -7.74 -10.60 20.77
N ALA B 134 -7.83 -10.32 19.47
CA ALA B 134 -8.94 -9.49 18.99
C ALA B 134 -10.20 -10.33 18.86
N ASP B 135 -11.33 -9.63 18.86
CA ASP B 135 -12.62 -10.28 18.60
C ASP B 135 -12.64 -10.76 17.16
N PRO B 136 -12.76 -12.07 16.89
CA PRO B 136 -12.76 -12.52 15.50
C PRO B 136 -13.93 -11.96 14.69
N ILE B 137 -15.06 -11.66 15.33
CA ILE B 137 -16.17 -11.01 14.62
C ILE B 137 -15.74 -9.66 14.10
N HIS B 138 -15.00 -8.92 14.91
CA HIS B 138 -14.47 -7.64 14.46
C HIS B 138 -13.43 -7.81 13.36
N SER B 139 -12.59 -8.84 13.46
CA SER B 139 -11.59 -9.05 12.42
C SER B 139 -12.25 -9.34 11.09
N LEU B 140 -13.32 -10.13 11.10
CA LEU B 140 -14.04 -10.41 9.87
C LEU B 140 -14.66 -9.14 9.31
N ARG B 141 -15.21 -8.30 10.19
CA ARG B 141 -15.76 -7.00 9.80
C ARG B 141 -14.72 -6.16 9.06
N VAL B 142 -13.56 -6.00 9.69
CA VAL B 142 -12.52 -5.19 9.06
C VAL B 142 -12.07 -5.82 7.76
N CYS B 143 -11.95 -7.15 7.72
CA CYS B 143 -11.57 -7.83 6.48
C CYS B 143 -12.54 -7.47 5.36
N VAL B 144 -13.83 -7.65 5.61
CA VAL B 144 -14.82 -7.38 4.57
C VAL B 144 -14.82 -5.92 4.14
N ASP B 145 -14.56 -5.02 5.08
CA ASP B 145 -14.64 -3.59 4.80
C ASP B 145 -13.33 -3.04 4.24
N THR B 146 -12.28 -3.85 4.16
CA THR B 146 -10.96 -3.40 3.74
C THR B 146 -10.42 -4.13 2.52
N VAL B 147 -10.56 -5.45 2.49
CA VAL B 147 -9.99 -6.24 1.42
C VAL B 147 -10.93 -6.20 0.23
N ARG B 148 -10.37 -5.93 -0.95
CA ARG B 148 -11.11 -5.91 -2.20
C ARG B 148 -10.71 -7.03 -3.14
N THR B 149 -9.54 -7.63 -2.93
CA THR B 149 -9.09 -8.78 -3.70
C THR B 149 -9.74 -10.04 -3.10
N ASN B 150 -9.52 -11.18 -3.73
CA ASN B 150 -10.25 -12.39 -3.38
C ASN B 150 -9.56 -13.08 -2.22
N VAL B 151 -10.23 -13.12 -1.07
CA VAL B 151 -9.64 -13.70 0.12
C VAL B 151 -10.49 -14.88 0.59
N TYR B 152 -9.83 -16.01 0.78
CA TYR B 152 -10.40 -17.28 1.21
C TYR B 152 -9.92 -17.50 2.65
N LEU B 153 -10.83 -17.34 3.61
CA LEU B 153 -10.52 -17.41 5.02
C LEU B 153 -10.73 -18.83 5.54
N ALA B 154 -9.74 -19.35 6.25
CA ALA B 154 -9.80 -20.66 6.89
C ALA B 154 -9.96 -20.45 8.39
N VAL B 155 -11.00 -21.04 8.94
CA VAL B 155 -11.31 -20.98 10.37
C VAL B 155 -11.30 -22.41 10.89
N PHE B 156 -10.37 -22.69 11.80
CA PHE B 156 -10.15 -24.07 12.27
C PHE B 156 -11.33 -24.62 13.09
N ASP B 157 -11.81 -23.86 14.06
CA ASP B 157 -12.82 -24.38 14.98
C ASP B 157 -14.21 -24.22 14.36
N LYS B 158 -14.92 -25.35 14.15
CA LYS B 158 -16.31 -25.30 13.64
C LYS B 158 -17.18 -24.36 14.45
N ASN B 159 -17.02 -24.34 15.77
CA ASN B 159 -17.90 -23.51 16.60
C ASN B 159 -17.61 -22.01 16.40
N LEU B 160 -16.35 -21.64 16.15
CA LEU B 160 -16.07 -20.25 15.83
C LEU B 160 -16.56 -19.92 14.43
N TYR B 161 -16.36 -20.85 13.48
CA TYR B 161 -16.88 -20.67 12.13
C TYR B 161 -18.37 -20.38 12.17
N ASP B 162 -19.12 -21.19 12.93
CA ASP B 162 -20.56 -21.00 13.01
C ASP B 162 -20.91 -19.64 13.63
N LYS B 163 -20.16 -19.21 14.65
CA LYS B 163 -20.39 -17.90 15.26
C LYS B 163 -20.15 -16.78 14.26
N LEU B 164 -19.09 -16.92 13.45
CA LEU B 164 -18.75 -15.90 12.46
C LEU B 164 -19.80 -15.83 11.35
N VAL B 165 -20.19 -16.98 10.80
CA VAL B 165 -21.14 -17.00 9.70
C VAL B 165 -22.52 -16.58 10.17
N SER B 166 -22.95 -17.13 11.31
CA SER B 166 -24.31 -16.91 11.78
C SER B 166 -24.53 -15.46 12.17
N SER B 167 -23.50 -14.76 12.62
CA SER B 167 -23.60 -13.35 13.03
C SER B 167 -23.23 -12.36 11.93
N PHE B 168 -22.72 -12.81 10.78
CA PHE B 168 -22.27 -11.88 9.75
C PHE B 168 -23.45 -11.11 9.16
N LEU B 169 -24.59 -11.78 9.05
CA LEU B 169 -25.79 -11.20 8.45
C LEU B 169 -27.05 -11.78 9.07
C10 WX4 C . 0.66 14.99 -10.39
N12 WX4 C . 2.43 16.80 -10.02
C13 WX4 C . 2.74 16.27 -11.41
C20 WX4 C . 6.56 18.72 -10.47
C21 WX4 C . 5.38 18.04 -10.74
C22 WX4 C . 4.59 18.02 -9.58
C02 WX4 C . 0.41 20.91 -14.05
C03 WX4 C . 0.55 19.72 -13.11
C04 WX4 C . 1.05 18.46 -13.45
C08 WX4 C . 1.48 16.30 -12.29
C09 WX4 C . 0.46 15.46 -11.77
C11 WX4 C . 1.20 16.07 -9.46
C14 WX4 C . 3.33 17.51 -9.15
C16 WX4 C . 3.68 18.39 -7.05
C18 WX4 C . 5.35 18.70 -8.66
N05 WX4 C . 1.01 17.73 -12.37
N06 WX4 C . 0.51 18.45 -11.34
N07 WX4 C . 0.22 19.70 -11.82
N15 WX4 C . 2.92 17.73 -7.90
N17 WX4 C . 4.85 18.86 -7.42
N19 WX4 C . 6.52 19.11 -9.21
O01 WX4 C . -0.95 21.03 -14.37
H101 WX4 C . 1.34 14.15 -10.41
H102 WX4 C . -0.28 14.62 -9.98
H132 WX4 C . 3.42 16.92 -11.91
H131 WX4 C . 3.16 15.26 -11.34
H201 WX4 C . 7.36 18.89 -11.17
H211 WX4 C . 5.12 17.61 -11.69
H021 WX4 C . 1.01 20.73 -14.94
H022 WX4 C . 0.75 21.81 -13.55
H041 WX4 C . 1.40 18.15 -14.43
H081 WX4 C . 1.73 15.91 -13.28
H091 WX4 C . 0.75 14.66 -12.40
H092 WX4 C . -0.58 15.81 -11.96
H111 WX4 C . 0.42 16.80 -9.30
H112 WX4 C . 1.47 15.63 -8.50
H161 WX4 C . 3.35 18.56 -6.03
H191 WX4 C . 7.25 19.62 -8.74
H011 WX4 C . -1.07 21.79 -14.91
C02 S1O D . 3.50 11.77 -12.44
C03 S1O D . 3.29 13.26 -12.57
C04 S1O D . 2.08 13.88 -12.26
C06 S1O D . 1.25 16.25 -12.23
C07 S1O D . 0.06 15.72 -11.63
C08 S1O D . 0.17 15.55 -10.18
C09 S1O D . 1.61 15.57 -9.62
C11 S1O D . 3.31 17.49 -9.16
C12 S1O D . 4.59 18.01 -9.55
C13 S1O D . 5.38 18.03 -10.72
C14 S1O D . 6.55 18.73 -10.44
C16 S1O D . 5.32 18.72 -8.62
C18 S1O D . 3.64 18.39 -7.05
C20 S1O D . 1.90 17.34 -11.34
N05 S1O D . 2.28 15.16 -12.44
N10 S1O D . 2.49 16.73 -10.09
N15 S1O D . 6.50 19.14 -9.18
N17 S1O D . 4.81 18.89 -7.37
N19 S1O D . 2.90 17.70 -7.91
N21 S1O D . 3.54 15.39 -12.85
N22 S1O D . 4.17 14.18 -12.92
O01 S1O D . 3.13 11.61 -11.12
H022 S1O D . 4.55 11.48 -12.57
H021 S1O D . 2.87 11.21 -13.11
H041 S1O D . 1.15 13.40 -11.91
H061 S1O D . 1.02 16.68 -13.19
H072 S1O D . -0.24 14.79 -12.09
H071 S1O D . -0.73 16.43 -11.79
H081 S1O D . -0.29 14.60 -9.90
H082 S1O D . -0.37 16.35 -9.71
H092 S1O D . 2.12 14.65 -9.87
H091 S1O D . 1.55 15.61 -8.55
H131 S1O D . 5.12 17.57 -11.66
H141 S1O D . 7.36 18.91 -11.12
H181 S1O D . 3.27 18.55 -6.04
H201 S1O D . 1.14 18.07 -11.07
H202 S1O D . 2.69 17.85 -11.91
H151 S1O D . 7.20 19.67 -8.71
H011 S1O D . 2.22 11.45 -10.96
#